data_4V0X
#
_entry.id   4V0X
#
_cell.length_a   67.540
_cell.length_b   67.540
_cell.length_c   158.010
_cell.angle_alpha   90.00
_cell.angle_beta   90.00
_cell.angle_gamma   90.00
#
_symmetry.space_group_name_H-M   'P 41 21 2'
#
loop_
_entity.id
_entity.type
_entity.pdbx_description
1 polymer 'PROTEIN PHOSPHATASE PP1-GAMMA CATALYTIC SUBUNIT'
2 polymer 'PROTEIN PHOSPHATASE 1 REGULATORY SUBUNIT 15B'
3 non-polymer 'MANGANESE (II) ION'
4 water water
#
loop_
_entity_poly.entity_id
_entity_poly.type
_entity_poly.pdbx_seq_one_letter_code
_entity_poly.pdbx_strand_id
1 'polypeptide(L)'
;MLNIDSIIQRLLEVRGSKPGKNVQLQENEIRGLCLKSREIFLSQPILLELEAPLKICGDIHGQYYDLLRLFEYGGFPPES
NYLFLGDYVDRGKQSLETICLLLAYKIKYPENFFLLRGNHECASINRIYGFYDECKRRYNIKLWKTFTDCFNCLPIAAIV
DEKIFCCHGGLSPDLQSMEQIRRIMRPTDVPDQGLLCDLLWSDPDKDVLGWGENDRGVSFTFGAEVVAKFLHKHDLDLIC
RAHQVVEDGYEFFAKRQLVTLFSAPNYCGEFDNAGAMMSVDETLMCSFQILKPAE
;
A
2 'polypeptide(L)' GAMDPGRHTHVKRKKVTFLEEVTEYYISGDEDRKGPWEEFARDGCRFQKRIQETEDAIG B
#
loop_
_chem_comp.id
_chem_comp.type
_chem_comp.name
_chem_comp.formula
MN non-polymer 'MANGANESE (II) ION' 'Mn 2'
#
# COMPACT_ATOMS: atom_id res chain seq x y z
N MET A 1 15.53 24.43 2.12
CA MET A 1 14.26 25.11 2.39
C MET A 1 13.21 24.12 2.85
N LEU A 2 13.30 22.88 2.37
CA LEU A 2 12.34 21.84 2.70
C LEU A 2 12.24 21.62 4.20
N ASN A 3 11.14 22.06 4.80
CA ASN A 3 10.94 21.87 6.22
C ASN A 3 10.03 20.68 6.47
N ILE A 4 10.60 19.51 6.73
CA ILE A 4 9.80 18.28 6.81
C ILE A 4 8.86 18.35 8.01
N ASP A 5 9.39 18.77 9.15
CA ASP A 5 8.59 18.92 10.35
C ASP A 5 7.41 19.86 10.15
N SER A 6 7.64 20.97 9.46
CA SER A 6 6.56 21.92 9.14
C SER A 6 5.52 21.32 8.21
N ILE A 7 6.00 20.63 7.19
CA ILE A 7 5.12 19.98 6.21
C ILE A 7 4.20 19.02 6.93
N ILE A 8 4.79 18.21 7.82
CA ILE A 8 4.02 17.21 8.55
C ILE A 8 3.03 17.85 9.51
N GLN A 9 3.44 18.94 10.15
CA GLN A 9 2.54 19.63 11.04
C GLN A 9 1.30 20.13 10.26
N ARG A 10 1.52 20.74 9.11
CA ARG A 10 0.42 21.27 8.31
C ARG A 10 -0.50 20.16 7.84
N LEU A 11 0.08 19.04 7.45
CA LEU A 11 -0.73 17.93 7.00
C LEU A 11 -1.57 17.35 8.15
N LEU A 12 -1.03 17.34 9.37
CA LEU A 12 -1.72 16.71 10.49
C LEU A 12 -2.69 17.66 11.18
N GLU A 13 -2.65 18.94 10.81
CA GLU A 13 -3.45 19.95 11.50
C GLU A 13 -4.93 19.67 11.33
N VAL A 14 -5.27 19.01 10.22
CA VAL A 14 -6.67 18.97 9.81
C VAL A 14 -7.44 17.85 10.49
N ARG A 15 -6.74 17.04 11.30
CA ARG A 15 -7.41 15.98 12.07
C ARG A 15 -8.54 16.50 12.96
N GLY A 16 -9.65 15.76 12.98
CA GLY A 16 -10.78 16.11 13.82
C GLY A 16 -11.84 16.88 13.07
N SER A 17 -11.53 17.23 11.82
CA SER A 17 -12.47 17.96 10.95
C SER A 17 -13.42 17.03 10.19
N GLY A 20 -13.55 16.63 4.99
CA GLY A 20 -12.54 16.38 3.98
C GLY A 20 -11.83 17.67 3.55
N LYS A 21 -11.35 18.45 4.51
CA LYS A 21 -10.66 19.71 4.22
C LYS A 21 -9.25 19.52 3.64
N ASN A 22 -8.84 20.45 2.77
CA ASN A 22 -7.58 20.32 2.06
C ASN A 22 -6.41 20.89 2.84
N VAL A 23 -5.22 20.45 2.44
CA VAL A 23 -3.98 21.04 2.90
C VAL A 23 -3.27 21.51 1.65
N GLN A 24 -2.99 22.81 1.51
CA GLN A 24 -2.34 23.26 0.27
C GLN A 24 -0.88 23.65 0.52
N LEU A 25 0.00 22.67 0.27
CA LEU A 25 1.44 22.85 0.31
C LEU A 25 1.91 23.65 -0.90
N GLN A 26 3.13 24.17 -0.82
CA GLN A 26 3.71 24.85 -1.96
C GLN A 26 4.19 23.82 -2.96
N GLU A 27 4.07 24.14 -4.23
CA GLU A 27 4.53 23.23 -5.27
C GLU A 27 5.98 22.80 -5.06
N ASN A 28 6.87 23.74 -4.71
CA ASN A 28 8.27 23.37 -4.52
C ASN A 28 8.45 22.48 -3.29
N GLU A 29 7.49 22.53 -2.35
CA GLU A 29 7.54 21.61 -1.22
C GLU A 29 7.22 20.18 -1.65
N ILE A 30 6.15 20.04 -2.42
CA ILE A 30 5.73 18.70 -2.89
C ILE A 30 6.80 18.12 -3.81
N ARG A 31 7.31 18.94 -4.72
CA ARG A 31 8.40 18.49 -5.58
C ARG A 31 9.59 18.01 -4.73
N GLY A 32 9.90 18.75 -3.65
CA GLY A 32 10.98 18.35 -2.77
C GLY A 32 10.74 16.99 -2.10
N LEU A 33 9.52 16.76 -1.64
CA LEU A 33 9.18 15.46 -1.08
C LEU A 33 9.47 14.33 -2.08
N CYS A 34 9.10 14.54 -3.33
CA CYS A 34 9.34 13.52 -4.37
C CYS A 34 10.81 13.29 -4.61
N LEU A 35 11.57 14.36 -4.72
CA LEU A 35 12.96 14.23 -5.09
C LEU A 35 13.77 13.63 -3.95
N LYS A 36 13.46 13.99 -2.70
CA LYS A 36 14.21 13.43 -1.56
C LYS A 36 13.80 11.97 -1.34
N SER A 37 12.50 11.70 -1.41
CA SER A 37 12.05 10.34 -1.19
C SER A 37 12.60 9.42 -2.29
N ARG A 38 12.67 9.89 -3.54
CA ARG A 38 13.23 9.08 -4.63
C ARG A 38 14.67 8.63 -4.35
N GLU A 39 15.48 9.54 -3.81
CA GLU A 39 16.85 9.20 -3.41
C GLU A 39 16.89 8.09 -2.36
N ILE A 40 15.97 8.17 -1.40
CA ILE A 40 15.95 7.19 -0.32
C ILE A 40 15.48 5.83 -0.88
N PHE A 41 14.43 5.84 -1.69
CA PHE A 41 13.94 4.59 -2.28
C PHE A 41 15.07 3.89 -3.01
N LEU A 42 15.88 4.66 -3.77
CA LEU A 42 16.93 4.06 -4.55
C LEU A 42 18.13 3.63 -3.71
N SER A 43 18.30 4.23 -2.54
CA SER A 43 19.39 3.84 -1.65
C SER A 43 19.06 2.58 -0.86
N GLN A 44 17.79 2.20 -0.85
CA GLN A 44 17.37 0.98 -0.16
C GLN A 44 17.07 -0.11 -1.18
N PRO A 45 17.09 -1.37 -0.72
CA PRO A 45 16.90 -2.48 -1.67
C PRO A 45 15.51 -2.49 -2.29
N ILE A 46 15.38 -3.04 -3.50
CA ILE A 46 14.07 -3.12 -4.14
C ILE A 46 13.21 -4.21 -3.50
N LEU A 47 13.89 -5.19 -2.90
CA LEU A 47 13.25 -6.19 -2.06
C LEU A 47 13.69 -5.91 -0.64
N LEU A 48 12.77 -5.34 0.14
CA LEU A 48 13.05 -4.89 1.51
C LEU A 48 13.11 -6.06 2.46
N GLU A 49 14.12 -6.06 3.33
CA GLU A 49 14.18 -7.04 4.41
C GLU A 49 13.93 -6.32 5.74
N LEU A 50 12.81 -6.65 6.36
CA LEU A 50 12.27 -5.92 7.51
C LEU A 50 12.15 -6.81 8.73
N GLU A 51 12.11 -6.18 9.91
CA GLU A 51 11.96 -6.91 11.16
C GLU A 51 10.68 -6.48 11.85
N ALA A 52 10.05 -7.41 12.57
CA ALA A 52 8.93 -7.07 13.42
C ALA A 52 9.48 -6.51 14.72
N PRO A 53 8.67 -5.74 15.47
CA PRO A 53 7.26 -5.44 15.21
C PRO A 53 7.05 -4.34 14.17
N LEU A 54 5.92 -4.45 13.45
CA LEU A 54 5.49 -3.42 12.51
C LEU A 54 4.00 -3.56 12.26
N LYS A 55 3.45 -2.52 11.66
CA LYS A 55 2.04 -2.50 11.26
C LYS A 55 1.99 -2.44 9.73
N ILE A 56 1.05 -3.18 9.16
CA ILE A 56 0.92 -3.25 7.71
C ILE A 56 -0.47 -2.82 7.25
N CYS A 57 -0.50 -1.97 6.22
CA CYS A 57 -1.73 -1.43 5.67
C CYS A 57 -1.80 -1.69 4.19
N GLY A 58 -3.02 -1.99 3.70
CA GLY A 58 -3.26 -2.16 2.27
C GLY A 58 -3.70 -0.84 1.62
N ASP A 59 -4.50 -0.93 0.56
CA ASP A 59 -4.88 0.24 -0.26
C ASP A 59 -5.40 1.41 0.57
N ILE A 60 -4.94 2.63 0.25
CA ILE A 60 -5.51 3.87 0.80
C ILE A 60 -6.31 4.65 -0.24
N HIS A 61 -5.86 4.66 -1.50
CA HIS A 61 -6.57 5.34 -2.60
C HIS A 61 -7.08 6.77 -2.29
N GLY A 62 -6.17 7.63 -1.82
CA GLY A 62 -6.50 9.03 -1.57
C GLY A 62 -7.53 9.34 -0.51
N GLN A 63 -7.88 8.38 0.34
CA GLN A 63 -8.84 8.65 1.40
C GLN A 63 -8.04 9.17 2.60
N TYR A 64 -7.66 10.44 2.48
CA TYR A 64 -6.67 11.03 3.39
C TYR A 64 -7.14 10.99 4.84
N TYR A 65 -8.41 11.32 5.08
CA TYR A 65 -8.86 11.33 6.46
C TYR A 65 -8.93 9.93 7.04
N ASP A 66 -9.03 8.95 6.18
CA ASP A 66 -9.00 7.57 6.65
C ASP A 66 -7.55 7.14 6.96
N LEU A 67 -6.57 7.61 6.19
CA LEU A 67 -5.16 7.40 6.54
C LEU A 67 -4.87 7.99 7.95
N LEU A 68 -5.37 9.19 8.21
CA LEU A 68 -5.12 9.84 9.51
C LEU A 68 -5.69 8.98 10.63
N ARG A 69 -6.87 8.43 10.40
CA ARG A 69 -7.51 7.58 11.38
C ARG A 69 -6.68 6.30 11.62
N LEU A 70 -6.06 5.72 10.58
CA LEU A 70 -5.15 4.60 10.76
C LEU A 70 -3.94 4.93 11.68
N PHE A 71 -3.29 6.04 11.45
CA PHE A 71 -2.21 6.48 12.35
C PHE A 71 -2.74 6.79 13.78
N GLU A 72 -3.91 7.40 13.86
CA GLU A 72 -4.52 7.73 15.16
C GLU A 72 -4.66 6.45 16.03
N TYR A 73 -5.08 5.34 15.43
CA TYR A 73 -5.24 4.08 16.17
C TYR A 73 -3.97 3.22 16.22
N GLY A 74 -3.10 3.33 15.22
CA GLY A 74 -1.87 2.55 15.20
C GLY A 74 -0.70 3.19 15.92
N GLY A 75 -0.78 4.51 16.09
CA GLY A 75 0.33 5.29 16.62
C GLY A 75 1.07 5.99 15.50
N PHE A 76 1.27 7.30 15.62
CA PHE A 76 1.99 8.04 14.55
C PHE A 76 3.46 7.67 14.51
N PRO A 77 4.05 7.64 13.31
CA PRO A 77 5.48 7.33 13.23
C PRO A 77 6.29 8.31 14.12
N PRO A 78 7.37 7.84 14.76
CA PRO A 78 7.94 6.48 14.75
C PRO A 78 7.46 5.60 15.94
N GLU A 79 6.32 5.91 16.57
CA GLU A 79 5.77 5.12 17.68
C GLU A 79 5.63 3.63 17.26
N SER A 80 5.26 3.45 16.01
CA SER A 80 5.22 2.14 15.36
C SER A 80 5.92 2.24 14.04
N ASN A 81 6.58 1.14 13.64
CA ASN A 81 7.04 0.93 12.29
C ASN A 81 5.86 0.58 11.38
N TYR A 82 5.92 1.03 10.13
CA TYR A 82 4.85 0.82 9.13
C TYR A 82 5.40 0.32 7.83
N LEU A 83 4.63 -0.61 7.25
CA LEU A 83 4.80 -1.01 5.86
C LEU A 83 3.47 -0.83 5.15
N PHE A 84 3.44 -0.04 4.08
CA PHE A 84 2.25 0.10 3.28
C PHE A 84 2.43 -0.71 2.00
N LEU A 85 1.34 -1.30 1.52
CA LEU A 85 1.39 -2.25 0.40
C LEU A 85 1.05 -1.65 -0.95
N GLY A 86 0.95 -0.32 -1.04
CA GLY A 86 0.75 0.32 -2.34
C GLY A 86 -0.64 0.89 -2.53
N ASP A 87 -0.86 1.51 -3.69
CA ASP A 87 -2.13 2.14 -4.04
C ASP A 87 -2.53 3.28 -3.08
N TYR A 88 -1.72 4.34 -3.14
CA TYR A 88 -1.84 5.51 -2.30
C TYR A 88 -2.78 6.51 -2.91
N VAL A 89 -2.80 6.49 -4.25
CA VAL A 89 -3.52 7.48 -5.03
C VAL A 89 -4.61 6.85 -5.88
N ASP A 90 -5.42 7.73 -6.50
CA ASP A 90 -6.56 7.43 -7.38
C ASP A 90 -7.83 7.12 -6.61
N ARG A 91 -8.98 7.44 -7.22
CA ARG A 91 -10.31 7.07 -6.74
C ARG A 91 -10.84 7.99 -5.65
N GLY A 92 -10.01 8.25 -4.64
CA GLY A 92 -10.42 9.09 -3.54
C GLY A 92 -10.25 10.55 -3.86
N LYS A 93 -10.60 11.37 -2.87
CA LYS A 93 -10.72 12.80 -3.02
C LYS A 93 -9.41 13.55 -2.82
N GLN A 94 -8.49 12.96 -2.06
CA GLN A 94 -7.27 13.66 -1.62
C GLN A 94 -6.02 12.81 -1.76
N SER A 95 -5.72 12.37 -2.99
CA SER A 95 -4.51 11.65 -3.26
C SER A 95 -3.28 12.50 -2.88
N LEU A 96 -3.34 13.82 -3.07
CA LEU A 96 -2.15 14.64 -2.85
C LEU A 96 -1.74 14.68 -1.40
N GLU A 97 -2.69 15.00 -0.51
CA GLU A 97 -2.40 14.96 0.91
C GLU A 97 -1.92 13.61 1.35
N THR A 98 -2.54 12.55 0.81
CA THR A 98 -2.17 11.21 1.19
C THR A 98 -0.73 10.89 0.87
N ILE A 99 -0.31 11.06 -0.38
CA ILE A 99 1.02 10.64 -0.73
C ILE A 99 2.04 11.61 -0.13
N CYS A 100 1.67 12.88 0.00
CA CYS A 100 2.59 13.82 0.65
C CYS A 100 2.90 13.41 2.09
N LEU A 101 1.89 13.05 2.90
CA LEU A 101 2.17 12.63 4.25
C LEU A 101 3.02 11.38 4.29
N LEU A 102 2.73 10.40 3.42
CA LEU A 102 3.52 9.18 3.41
C LEU A 102 4.97 9.43 2.98
N LEU A 103 5.18 10.29 1.99
CA LEU A 103 6.56 10.58 1.58
C LEU A 103 7.32 11.39 2.66
N ALA A 104 6.61 12.27 3.35
CA ALA A 104 7.23 13.07 4.41
C ALA A 104 7.71 12.12 5.51
N TYR A 105 6.86 11.16 5.89
CA TYR A 105 7.25 10.21 6.91
C TYR A 105 8.37 9.32 6.43
N LYS A 106 8.39 8.96 5.14
CA LYS A 106 9.50 8.16 4.59
C LYS A 106 10.83 8.95 4.72
N ILE A 107 10.76 10.23 4.45
CA ILE A 107 11.96 11.10 4.56
C ILE A 107 12.39 11.26 6.00
N LYS A 108 11.44 11.42 6.90
CA LYS A 108 11.80 11.64 8.28
C LYS A 108 12.32 10.38 8.97
N TYR A 109 11.67 9.23 8.73
CA TYR A 109 12.02 8.00 9.41
C TYR A 109 12.30 6.85 8.42
N PRO A 110 13.38 6.96 7.65
CA PRO A 110 13.56 6.06 6.49
C PRO A 110 13.80 4.61 6.82
N GLU A 111 14.21 4.29 8.05
CA GLU A 111 14.40 2.91 8.47
C GLU A 111 13.27 2.42 9.39
N ASN A 112 12.22 3.23 9.52
CA ASN A 112 11.07 2.87 10.34
C ASN A 112 9.77 2.90 9.57
N PHE A 113 9.84 3.31 8.31
CA PHE A 113 8.64 3.65 7.56
C PHE A 113 8.88 3.20 6.14
N PHE A 114 7.99 2.34 5.62
CA PHE A 114 8.22 1.74 4.32
C PHE A 114 6.97 1.73 3.41
N LEU A 115 7.21 1.98 2.13
CA LEU A 115 6.16 2.06 1.14
C LEU A 115 6.49 1.15 -0.01
N LEU A 116 5.57 0.24 -0.35
CA LEU A 116 5.70 -0.53 -1.59
C LEU A 116 4.93 0.10 -2.74
N ARG A 117 5.26 -0.35 -3.95
CA ARG A 117 4.60 0.08 -5.15
C ARG A 117 3.29 -0.70 -5.33
N GLY A 118 2.19 0.00 -5.56
CA GLY A 118 0.95 -0.63 -6.04
C GLY A 118 0.77 -0.44 -7.54
N ASN A 119 -0.29 -1.03 -8.10
CA ASN A 119 -0.48 -0.96 -9.55
C ASN A 119 -0.97 0.44 -9.94
N HIS A 120 -1.47 1.19 -8.97
CA HIS A 120 -1.86 2.58 -9.24
C HIS A 120 -0.69 3.58 -9.15
N GLU A 121 0.48 3.15 -8.65
CA GLU A 121 1.66 4.01 -8.70
C GLU A 121 2.35 3.78 -10.05
N CYS A 122 1.59 4.04 -11.11
CA CYS A 122 1.94 3.73 -12.48
C CYS A 122 1.27 4.80 -13.32
N ALA A 123 2.01 5.54 -14.16
CA ALA A 123 1.44 6.64 -14.95
C ALA A 123 0.26 6.19 -15.81
N SER A 124 0.34 5.01 -16.43
CA SER A 124 -0.68 4.62 -17.39
C SER A 124 -2.01 4.35 -16.65
N ILE A 125 -1.95 4.08 -15.35
CA ILE A 125 -3.17 3.90 -14.55
C ILE A 125 -3.61 5.21 -13.89
N ASN A 126 -2.70 5.87 -13.18
CA ASN A 126 -3.14 7.02 -12.40
C ASN A 126 -3.30 8.28 -13.24
N ARG A 127 -2.95 8.22 -14.52
CA ARG A 127 -3.32 9.27 -15.47
C ARG A 127 -4.84 9.28 -15.63
N ILE A 128 -5.45 8.11 -15.47
CA ILE A 128 -6.84 7.91 -15.83
C ILE A 128 -7.74 7.93 -14.61
N TYR A 129 -7.28 7.32 -13.53
CA TYR A 129 -8.17 7.10 -12.39
C TYR A 129 -8.15 8.21 -11.31
N GLY A 130 -7.66 9.40 -11.65
CA GLY A 130 -7.87 10.56 -10.79
C GLY A 130 -6.65 11.33 -10.35
N PHE A 131 -5.48 10.72 -10.28
CA PHE A 131 -4.35 11.40 -9.65
C PHE A 131 -3.87 12.54 -10.54
N TYR A 132 -3.77 12.28 -11.83
CA TYR A 132 -3.41 13.28 -12.81
C TYR A 132 -4.39 14.46 -12.81
N ASP A 133 -5.69 14.16 -12.75
CA ASP A 133 -6.72 15.18 -12.73
C ASP A 133 -6.53 16.05 -11.49
N GLU A 134 -6.18 15.42 -10.38
CA GLU A 134 -6.06 16.13 -9.11
C GLU A 134 -4.83 17.04 -9.13
N CYS A 135 -3.72 16.52 -9.68
CA CYS A 135 -2.51 17.31 -9.84
C CYS A 135 -2.72 18.53 -10.74
N LYS A 136 -3.45 18.34 -11.83
CA LYS A 136 -3.67 19.35 -12.85
C LYS A 136 -4.56 20.47 -12.33
N ARG A 137 -5.55 20.06 -11.55
CA ARG A 137 -6.54 20.95 -10.99
C ARG A 137 -5.91 21.80 -9.89
N ARG A 138 -5.13 21.17 -9.01
CA ARG A 138 -4.60 21.84 -7.84
C ARG A 138 -3.22 22.45 -8.08
N TYR A 139 -2.41 21.81 -8.92
CA TYR A 139 -1.09 22.34 -9.24
C TYR A 139 -0.90 22.41 -10.74
N ASN A 140 -0.15 21.48 -11.32
CA ASN A 140 0.01 21.43 -12.78
C ASN A 140 0.54 20.07 -13.25
N ILE A 141 0.76 19.95 -14.56
CA ILE A 141 1.18 18.69 -15.18
C ILE A 141 2.59 18.30 -14.78
N LYS A 142 3.48 19.29 -14.75
CA LYS A 142 4.85 19.10 -14.27
C LYS A 142 4.91 18.34 -12.94
N LEU A 143 3.97 18.64 -12.05
CA LEU A 143 3.97 18.04 -10.73
C LEU A 143 3.61 16.56 -10.83
N TRP A 144 2.64 16.27 -11.68
CA TRP A 144 2.27 14.84 -11.93
C TRP A 144 3.47 14.06 -12.49
N LYS A 145 4.16 14.62 -13.48
CA LYS A 145 5.35 13.99 -14.02
C LYS A 145 6.44 13.79 -12.97
N THR A 146 6.56 14.71 -12.01
CA THR A 146 7.51 14.51 -10.91
C THR A 146 7.10 13.34 -10.00
N PHE A 147 5.82 13.20 -9.69
CA PHE A 147 5.39 12.02 -8.93
C PHE A 147 5.70 10.72 -9.67
N THR A 148 5.47 10.70 -10.98
CA THR A 148 5.76 9.51 -11.78
C THR A 148 7.20 9.06 -11.62
N ASP A 149 8.11 10.05 -11.66
CA ASP A 149 9.55 9.80 -11.59
C ASP A 149 9.91 9.20 -10.25
N CYS A 150 9.18 9.62 -9.21
CA CYS A 150 9.36 9.10 -7.88
C CYS A 150 8.78 7.66 -7.75
N PHE A 151 7.52 7.49 -8.12
CA PHE A 151 6.85 6.16 -8.10
C PHE A 151 7.65 5.09 -8.83
N ASN A 152 8.39 5.47 -9.87
CA ASN A 152 9.15 4.53 -10.68
C ASN A 152 10.30 3.93 -9.93
N CYS A 153 10.61 4.51 -8.77
CA CYS A 153 11.70 4.04 -7.91
C CYS A 153 11.23 3.34 -6.61
N LEU A 154 9.93 3.16 -6.44
CA LEU A 154 9.40 2.49 -5.24
C LEU A 154 9.84 1.03 -5.22
N PRO A 155 10.13 0.48 -4.01
CA PRO A 155 10.38 -0.98 -3.88
C PRO A 155 9.13 -1.77 -4.20
N ILE A 156 9.32 -3.05 -4.51
CA ILE A 156 8.26 -3.86 -5.08
C ILE A 156 7.74 -4.91 -4.09
N ALA A 157 8.60 -5.33 -3.17
CA ALA A 157 8.23 -6.40 -2.24
C ALA A 157 9.02 -6.27 -0.97
N ALA A 158 8.54 -6.89 0.10
CA ALA A 158 9.25 -6.94 1.36
C ALA A 158 9.13 -8.32 2.00
N ILE A 159 10.14 -8.71 2.76
CA ILE A 159 10.05 -9.94 3.57
C ILE A 159 10.28 -9.55 5.02
N VAL A 160 9.30 -9.86 5.86
CA VAL A 160 9.38 -9.59 7.30
C VAL A 160 9.95 -10.81 8.00
N ASP A 161 11.09 -10.62 8.67
CA ASP A 161 11.73 -11.65 9.51
C ASP A 161 11.82 -12.99 8.81
N GLU A 162 12.06 -12.92 7.50
CA GLU A 162 12.25 -14.08 6.64
C GLU A 162 11.05 -15.02 6.63
N LYS A 163 9.87 -14.55 7.03
CA LYS A 163 8.69 -15.44 7.09
C LYS A 163 7.42 -14.88 6.43
N ILE A 164 7.33 -13.57 6.29
CA ILE A 164 6.15 -12.97 5.66
C ILE A 164 6.56 -12.24 4.39
N PHE A 165 6.13 -12.75 3.25
CA PHE A 165 6.39 -12.13 1.96
C PHE A 165 5.23 -11.20 1.62
N CYS A 166 5.55 -9.92 1.34
CA CYS A 166 4.56 -8.87 1.12
C CYS A 166 4.75 -8.24 -0.24
N CYS A 167 3.64 -8.01 -0.93
CA CYS A 167 3.63 -7.29 -2.20
C CYS A 167 2.21 -6.80 -2.44
N HIS A 168 2.01 -5.98 -3.45
CA HIS A 168 0.68 -5.41 -3.64
C HIS A 168 -0.33 -6.42 -4.21
N GLY A 169 0.05 -7.09 -5.28
CA GLY A 169 -0.89 -7.92 -6.03
C GLY A 169 -0.73 -9.35 -5.59
N GLY A 170 0.27 -10.03 -6.11
CA GLY A 170 0.44 -11.44 -5.72
C GLY A 170 1.61 -12.14 -6.35
N LEU A 171 1.49 -13.45 -6.51
CA LEU A 171 2.58 -14.26 -7.04
C LEU A 171 2.66 -14.16 -8.55
N SER A 172 3.72 -14.75 -9.08
CA SER A 172 3.99 -14.75 -10.52
C SER A 172 4.41 -16.15 -10.90
N PRO A 173 3.95 -16.65 -12.04
CA PRO A 173 4.46 -17.96 -12.50
C PRO A 173 5.95 -17.90 -12.82
N ASP A 174 6.46 -16.70 -13.05
CA ASP A 174 7.88 -16.50 -13.33
C ASP A 174 8.80 -16.44 -12.10
N LEU A 175 8.23 -16.32 -10.90
CA LEU A 175 9.02 -16.13 -9.70
C LEU A 175 9.58 -17.43 -9.11
N GLN A 176 10.87 -17.64 -9.34
CA GLN A 176 11.57 -18.85 -8.89
C GLN A 176 12.57 -18.54 -7.78
N SER A 177 13.14 -17.33 -7.85
CA SER A 177 14.14 -16.90 -6.89
C SER A 177 13.92 -15.45 -6.56
N MET A 178 13.99 -15.13 -5.27
CA MET A 178 13.98 -13.74 -4.80
C MET A 178 15.01 -12.86 -5.51
N GLU A 179 16.09 -13.49 -5.98
CA GLU A 179 17.15 -12.76 -6.66
C GLU A 179 16.57 -12.11 -7.93
N GLN A 180 15.52 -12.72 -8.48
CA GLN A 180 14.86 -12.16 -9.65
C GLN A 180 14.27 -10.79 -9.35
N ILE A 181 13.63 -10.66 -8.21
CA ILE A 181 13.12 -9.36 -7.80
C ILE A 181 14.28 -8.41 -7.57
N ARG A 182 15.31 -8.89 -6.88
CA ARG A 182 16.45 -8.03 -6.55
C ARG A 182 17.10 -7.47 -7.80
N ARG A 183 17.05 -8.21 -8.90
CA ARG A 183 17.73 -7.79 -10.11
C ARG A 183 16.93 -6.80 -10.96
N ILE A 184 15.73 -6.47 -10.52
CA ILE A 184 14.93 -5.52 -11.26
C ILE A 184 15.54 -4.13 -11.02
N MET A 185 15.90 -3.44 -12.09
CA MET A 185 16.56 -2.15 -11.99
C MET A 185 15.54 -1.03 -11.97
N ARG A 186 15.87 0.04 -11.25
CA ARG A 186 14.99 1.19 -11.14
C ARG A 186 15.77 2.40 -11.64
N PRO A 187 15.06 3.41 -12.17
CA PRO A 187 13.62 3.55 -12.32
C PRO A 187 13.10 2.59 -13.39
N THR A 188 11.89 2.11 -13.17
CA THR A 188 11.22 1.31 -14.17
C THR A 188 9.75 1.64 -14.17
N ASP A 189 9.13 1.58 -15.34
CA ASP A 189 7.69 1.56 -15.42
C ASP A 189 7.20 0.12 -15.16
N VAL A 190 5.90 -0.04 -14.97
CA VAL A 190 5.31 -1.36 -14.75
C VAL A 190 4.95 -1.89 -16.15
N PRO A 191 5.59 -3.00 -16.57
CA PRO A 191 5.26 -3.49 -17.94
C PRO A 191 3.90 -4.20 -18.01
N ASP A 192 3.44 -4.50 -19.22
CA ASP A 192 2.11 -5.05 -19.43
C ASP A 192 2.02 -6.54 -19.08
N GLN A 193 3.17 -7.19 -18.90
CA GLN A 193 3.19 -8.59 -18.49
C GLN A 193 4.54 -8.90 -17.87
N GLY A 194 4.63 -10.02 -17.19
CA GLY A 194 5.89 -10.49 -16.64
C GLY A 194 5.95 -10.28 -15.15
N LEU A 195 7.11 -10.58 -14.57
CA LEU A 195 7.26 -10.67 -13.12
C LEU A 195 6.76 -9.42 -12.40
N LEU A 196 7.20 -8.24 -12.82
CA LEU A 196 6.89 -7.03 -12.10
C LEU A 196 5.38 -6.73 -12.20
N CYS A 197 4.82 -6.96 -13.39
CA CYS A 197 3.38 -6.84 -13.61
C CYS A 197 2.60 -7.72 -12.61
N ASP A 198 2.96 -9.01 -12.55
CA ASP A 198 2.27 -9.94 -11.69
C ASP A 198 2.33 -9.60 -10.20
N LEU A 199 3.49 -9.15 -9.72
CA LEU A 199 3.61 -8.76 -8.33
C LEU A 199 2.65 -7.62 -7.94
N LEU A 200 2.30 -6.76 -8.90
CA LEU A 200 1.42 -5.63 -8.65
C LEU A 200 -0.04 -5.87 -9.03
N TRP A 201 -0.31 -6.94 -9.81
CA TRP A 201 -1.62 -7.12 -10.41
C TRP A 201 -2.31 -8.48 -10.16
N SER A 202 -1.59 -9.54 -9.83
CA SER A 202 -2.26 -10.86 -9.76
C SER A 202 -3.20 -11.00 -8.56
N ASP A 203 -4.12 -12.00 -8.60
CA ASP A 203 -5.08 -12.24 -7.53
C ASP A 203 -5.13 -13.72 -7.18
N PRO A 204 -5.42 -14.04 -5.91
CA PRO A 204 -5.72 -15.44 -5.60
C PRO A 204 -7.14 -15.76 -6.03
N ASP A 205 -7.44 -17.04 -6.26
CA ASP A 205 -8.76 -17.42 -6.70
C ASP A 205 -8.95 -18.87 -6.24
N LYS A 206 -10.00 -19.10 -5.47
CA LYS A 206 -10.20 -20.41 -4.85
C LYS A 206 -10.73 -21.44 -5.86
N ASP A 207 -11.13 -20.99 -7.03
CA ASP A 207 -11.67 -21.91 -8.04
C ASP A 207 -10.65 -22.25 -9.14
N VAL A 208 -9.43 -21.76 -9.01
CA VAL A 208 -8.36 -22.03 -9.95
C VAL A 208 -7.41 -23.08 -9.43
N LEU A 209 -7.04 -24.04 -10.27
CA LEU A 209 -5.95 -24.98 -9.99
C LEU A 209 -4.75 -24.59 -10.85
N GLY A 210 -3.71 -24.10 -10.19
CA GLY A 210 -2.53 -23.61 -10.86
C GLY A 210 -2.73 -22.14 -11.17
N TRP A 211 -2.50 -21.80 -12.43
CA TRP A 211 -2.59 -20.41 -12.89
C TRP A 211 -3.80 -20.23 -13.81
N GLY A 212 -4.42 -19.04 -13.77
CA GLY A 212 -5.51 -18.77 -14.68
C GLY A 212 -5.44 -17.34 -15.20
N GLU A 213 -6.20 -17.07 -16.25
CA GLU A 213 -6.29 -15.72 -16.78
C GLU A 213 -7.06 -14.86 -15.80
N ASN A 214 -6.55 -13.67 -15.52
CA ASN A 214 -7.26 -12.82 -14.58
C ASN A 214 -8.40 -12.06 -15.26
N ASP A 215 -9.56 -12.05 -14.62
CA ASP A 215 -10.73 -11.29 -15.08
C ASP A 215 -10.50 -9.79 -15.30
N ARG A 216 -9.50 -9.18 -14.64
CA ARG A 216 -9.17 -7.77 -14.87
C ARG A 216 -8.66 -7.49 -16.27
N GLY A 217 -8.10 -8.51 -16.91
CA GLY A 217 -7.51 -8.34 -18.22
C GLY A 217 -6.02 -8.10 -18.15
N VAL A 218 -5.49 -8.19 -16.94
CA VAL A 218 -4.07 -8.05 -16.69
C VAL A 218 -3.63 -9.20 -15.79
N SER A 219 -2.49 -9.81 -16.12
CA SER A 219 -1.85 -10.75 -15.22
C SER A 219 -2.74 -11.99 -14.99
N PHE A 220 -2.60 -12.58 -13.83
CA PHE A 220 -3.10 -13.96 -13.61
C PHE A 220 -3.89 -14.09 -12.32
N THR A 221 -4.60 -15.20 -12.20
CA THR A 221 -5.06 -15.70 -10.91
C THR A 221 -4.24 -16.91 -10.53
N PHE A 222 -4.13 -17.19 -9.23
CA PHE A 222 -3.43 -18.39 -8.78
C PHE A 222 -4.22 -19.05 -7.66
N GLY A 223 -4.14 -20.39 -7.61
CA GLY A 223 -4.85 -21.15 -6.60
C GLY A 223 -4.10 -21.32 -5.31
N ALA A 224 -4.75 -22.04 -4.39
CA ALA A 224 -4.24 -22.28 -3.05
C ALA A 224 -2.98 -23.14 -3.03
N GLU A 225 -2.86 -24.09 -3.95
CA GLU A 225 -1.69 -24.96 -3.93
C GLU A 225 -0.45 -24.24 -4.46
N VAL A 226 -0.61 -23.26 -5.36
CA VAL A 226 0.50 -22.40 -5.78
C VAL A 226 1.08 -21.70 -4.55
N VAL A 227 0.18 -21.24 -3.69
CA VAL A 227 0.57 -20.53 -2.46
C VAL A 227 1.38 -21.47 -1.55
N ALA A 228 0.83 -22.65 -1.30
CA ALA A 228 1.49 -23.67 -0.49
C ALA A 228 2.91 -24.01 -0.99
N LYS A 229 3.05 -24.27 -2.29
CA LYS A 229 4.34 -24.68 -2.86
C LYS A 229 5.36 -23.53 -2.72
N PHE A 230 4.90 -22.31 -2.95
CA PHE A 230 5.75 -21.13 -2.80
C PHE A 230 6.31 -20.94 -1.38
N LEU A 231 5.45 -21.04 -0.38
CA LEU A 231 5.88 -20.91 1.00
C LEU A 231 6.87 -22.01 1.36
N HIS A 232 6.63 -23.25 0.89
CA HIS A 232 7.52 -24.36 1.23
C HIS A 232 8.86 -24.17 0.55
N LYS A 233 8.85 -23.81 -0.71
CA LYS A 233 10.09 -23.67 -1.47
C LYS A 233 11.02 -22.60 -0.86
N HIS A 234 10.43 -21.50 -0.39
CA HIS A 234 11.20 -20.36 0.13
C HIS A 234 11.21 -20.30 1.64
N ASP A 235 10.63 -21.31 2.27
CA ASP A 235 10.58 -21.40 3.72
C ASP A 235 9.96 -20.14 4.32
N LEU A 236 8.76 -19.80 3.85
CA LEU A 236 8.00 -18.65 4.37
C LEU A 236 6.80 -19.18 5.09
N ASP A 237 6.13 -18.34 5.86
CA ASP A 237 4.92 -18.75 6.58
C ASP A 237 3.65 -18.12 6.02
N LEU A 238 3.80 -17.00 5.31
CA LEU A 238 2.65 -16.17 5.00
C LEU A 238 2.89 -15.22 3.83
N ILE A 239 1.87 -15.09 2.99
CA ILE A 239 1.84 -14.03 1.99
C ILE A 239 0.86 -12.96 2.46
N CYS A 240 1.36 -11.71 2.47
CA CYS A 240 0.54 -10.58 2.83
C CYS A 240 0.41 -9.68 1.60
N ARG A 241 -0.80 -9.39 1.15
CA ARG A 241 -0.99 -8.58 -0.05
C ARG A 241 -2.24 -7.72 0.09
N ALA A 242 -2.48 -6.87 -0.91
CA ALA A 242 -3.61 -5.94 -0.88
C ALA A 242 -4.44 -6.13 -2.16
N HIS A 243 -4.83 -5.04 -2.81
CA HIS A 243 -5.29 -5.04 -4.20
C HIS A 243 -6.73 -5.53 -4.44
N GLN A 244 -7.41 -6.02 -3.42
CA GLN A 244 -8.83 -6.36 -3.56
C GLN A 244 -9.63 -5.84 -2.38
N VAL A 245 -10.72 -5.14 -2.65
CA VAL A 245 -11.61 -4.69 -1.58
C VAL A 245 -12.18 -5.93 -0.90
N VAL A 246 -12.25 -5.90 0.41
CA VAL A 246 -12.77 -7.02 1.17
C VAL A 246 -13.63 -6.47 2.30
N GLU A 247 -14.77 -7.14 2.53
CA GLU A 247 -15.82 -6.62 3.39
C GLU A 247 -15.36 -6.16 4.77
N ASP A 248 -14.49 -6.95 5.39
CA ASP A 248 -14.06 -6.70 6.76
C ASP A 248 -12.70 -6.02 6.79
N GLY A 249 -12.14 -5.73 5.62
CA GLY A 249 -10.86 -5.05 5.55
C GLY A 249 -9.69 -6.00 5.51
N TYR A 250 -9.89 -7.23 5.97
CA TYR A 250 -8.90 -8.29 5.81
C TYR A 250 -9.65 -9.56 5.45
N GLU A 251 -8.96 -10.47 4.76
CA GLU A 251 -9.58 -11.74 4.36
C GLU A 251 -8.49 -12.78 4.09
N PHE A 252 -8.66 -13.95 4.71
CA PHE A 252 -7.71 -15.04 4.58
C PHE A 252 -7.98 -15.86 3.33
N PHE A 253 -6.94 -16.53 2.83
CA PHE A 253 -7.02 -17.42 1.68
C PHE A 253 -6.10 -18.63 1.93
N ALA A 254 -6.48 -19.77 1.36
CA ALA A 254 -5.70 -21.00 1.52
C ALA A 254 -5.32 -21.32 2.97
N LYS A 255 -6.30 -21.31 3.87
CA LYS A 255 -6.10 -21.75 5.25
C LYS A 255 -5.13 -20.84 5.95
N ARG A 256 -5.34 -19.55 5.73
CA ARG A 256 -4.53 -18.51 6.35
C ARG A 256 -3.07 -18.51 5.93
N GLN A 257 -2.77 -19.11 4.78
CA GLN A 257 -1.41 -19.00 4.25
C GLN A 257 -1.25 -17.69 3.47
N LEU A 258 -2.37 -17.03 3.16
CA LEU A 258 -2.34 -15.71 2.52
C LEU A 258 -3.39 -14.81 3.18
N VAL A 259 -3.08 -13.53 3.37
CA VAL A 259 -4.12 -12.61 3.79
C VAL A 259 -4.14 -11.43 2.83
N THR A 260 -5.35 -10.94 2.55
CA THR A 260 -5.53 -9.70 1.80
C THR A 260 -5.88 -8.58 2.78
N LEU A 261 -5.18 -7.45 2.67
CA LEU A 261 -5.47 -6.27 3.49
C LEU A 261 -5.97 -5.12 2.62
N PHE A 262 -6.96 -4.40 3.10
CA PHE A 262 -7.52 -3.29 2.37
C PHE A 262 -7.92 -2.20 3.37
N SER A 263 -7.35 -1.02 3.21
CA SER A 263 -7.41 -0.01 4.27
C SER A 263 -8.17 1.27 3.95
N ALA A 264 -9.03 1.22 2.93
CA ALA A 264 -9.85 2.35 2.52
C ALA A 264 -11.30 2.05 2.85
N PRO A 265 -11.78 2.50 4.01
CA PRO A 265 -13.18 2.19 4.36
C PRO A 265 -14.17 2.79 3.38
N ASN A 266 -15.28 2.10 3.12
CA ASN A 266 -16.33 2.65 2.29
C ASN A 266 -15.80 3.09 0.93
N TYR A 267 -15.02 2.22 0.31
CA TYR A 267 -14.19 2.55 -0.84
C TYR A 267 -14.95 3.27 -1.97
N CYS A 268 -14.46 4.44 -2.37
CA CYS A 268 -15.09 5.28 -3.41
C CYS A 268 -16.43 5.88 -3.00
N GLY A 269 -16.96 5.43 -1.86
CA GLY A 269 -18.36 5.67 -1.53
C GLY A 269 -19.24 4.60 -2.16
N GLU A 270 -18.65 3.75 -2.99
CA GLU A 270 -19.38 2.73 -3.74
C GLU A 270 -19.46 1.37 -3.03
N PHE A 271 -18.81 1.24 -1.87
CA PHE A 271 -18.83 0.00 -1.10
C PHE A 271 -19.11 0.32 0.36
N ASP A 272 -19.42 -0.71 1.13
CA ASP A 272 -19.73 -0.58 2.55
C ASP A 272 -18.67 -1.30 3.38
N ASN A 273 -17.45 -1.34 2.87
CA ASN A 273 -16.40 -2.12 3.49
C ASN A 273 -15.75 -1.42 4.66
N ALA A 274 -15.22 -2.20 5.60
CA ALA A 274 -14.28 -1.67 6.56
C ALA A 274 -12.87 -1.64 5.96
N GLY A 275 -12.01 -0.82 6.54
CA GLY A 275 -10.59 -0.83 6.27
C GLY A 275 -9.90 -1.45 7.46
N ALA A 276 -8.83 -2.20 7.22
CA ALA A 276 -8.12 -2.88 8.29
C ALA A 276 -6.63 -2.60 8.22
N MET A 277 -5.96 -2.81 9.36
CA MET A 277 -4.51 -2.76 9.48
C MET A 277 -4.03 -4.01 10.22
N MET A 278 -2.90 -4.60 9.82
CA MET A 278 -2.38 -5.79 10.53
C MET A 278 -1.14 -5.48 11.36
N SER A 279 -1.24 -5.72 12.67
CA SER A 279 -0.10 -5.62 13.57
C SER A 279 0.65 -6.92 13.68
N VAL A 280 1.95 -6.88 13.38
CA VAL A 280 2.85 -8.00 13.57
C VAL A 280 3.73 -7.73 14.79
N ASP A 281 3.55 -8.50 15.87
CA ASP A 281 4.34 -8.26 17.05
C ASP A 281 5.67 -8.98 16.90
N GLU A 282 6.54 -8.85 17.89
CA GLU A 282 7.93 -9.29 17.79
C GLU A 282 8.09 -10.79 17.48
N THR A 283 7.14 -11.61 17.92
CA THR A 283 7.19 -13.06 17.67
C THR A 283 6.37 -13.49 16.45
N LEU A 284 5.96 -12.51 15.66
CA LEU A 284 5.15 -12.71 14.46
C LEU A 284 3.70 -13.13 14.77
N MET A 285 3.18 -12.75 15.93
CA MET A 285 1.75 -12.84 16.15
C MET A 285 1.04 -11.67 15.47
N CYS A 286 0.14 -12.01 14.55
CA CYS A 286 -0.56 -11.02 13.75
C CYS A 286 -1.97 -10.78 14.28
N SER A 287 -2.40 -9.52 14.31
CA SER A 287 -3.73 -9.14 14.79
C SER A 287 -4.29 -8.03 13.92
N PHE A 288 -5.61 -7.82 13.99
CA PHE A 288 -6.26 -6.85 13.10
C PHE A 288 -7.06 -5.76 13.82
N GLN A 289 -6.90 -4.53 13.35
CA GLN A 289 -7.69 -3.38 13.77
C GLN A 289 -8.53 -2.89 12.59
N ILE A 290 -9.81 -2.65 12.84
CA ILE A 290 -10.82 -2.42 11.82
C ILE A 290 -11.47 -1.06 11.94
N LEU A 291 -11.51 -0.33 10.85
CA LEU A 291 -12.12 1.00 10.80
C LEU A 291 -13.41 0.92 10.01
N LYS A 292 -14.50 1.34 10.64
CA LYS A 292 -15.83 1.04 10.15
C LYS A 292 -16.73 2.28 10.08
N PRO A 293 -17.06 2.75 8.87
CA PRO A 293 -17.89 3.94 8.72
C PRO A 293 -19.27 3.82 9.36
N ALA A 294 -19.65 4.81 10.17
CA ALA A 294 -20.98 4.81 10.79
C ALA A 294 -22.07 4.89 9.71
N GLU A 295 -23.24 4.35 9.99
CA GLU A 295 -24.34 4.36 9.05
C GLU A 295 -25.55 5.07 9.64
N LYS B 14 10.71 -18.25 14.96
CA LYS B 14 9.78 -17.26 14.44
C LYS B 14 8.64 -17.91 13.66
N LYS B 15 7.45 -17.93 14.25
CA LYS B 15 6.30 -18.57 13.62
C LYS B 15 5.06 -17.68 13.64
N VAL B 16 4.55 -17.39 12.45
CA VAL B 16 3.35 -16.58 12.28
C VAL B 16 2.13 -17.19 12.96
N THR B 17 1.46 -16.39 13.81
CA THR B 17 0.20 -16.83 14.47
C THR B 17 -0.83 -15.70 14.33
N PHE B 18 -2.08 -15.97 14.70
CA PHE B 18 -3.13 -14.94 14.63
C PHE B 18 -3.97 -14.81 15.91
N LEU B 19 -4.30 -13.57 16.25
CA LEU B 19 -5.16 -13.26 17.39
C LEU B 19 -6.63 -13.32 16.97
N GLU B 20 -7.44 -13.99 17.79
CA GLU B 20 -8.86 -14.19 17.47
C GLU B 20 -9.66 -12.89 17.57
N GLU B 21 -9.46 -12.13 18.66
CA GLU B 21 -10.15 -10.85 18.82
C GLU B 21 -9.71 -9.85 17.76
N VAL B 22 -10.69 -9.11 17.24
CA VAL B 22 -10.43 -8.05 16.30
C VAL B 22 -11.03 -6.77 16.88
N THR B 23 -10.32 -5.66 16.73
CA THR B 23 -10.76 -4.39 17.31
C THR B 23 -11.44 -3.50 16.25
N GLU B 24 -12.67 -3.10 16.53
CA GLU B 24 -13.45 -2.26 15.62
C GLU B 24 -13.63 -0.85 16.15
N TYR B 25 -13.68 0.11 15.24
CA TYR B 25 -13.99 1.48 15.60
C TYR B 25 -14.97 2.07 14.58
N TYR B 26 -16.04 2.69 15.08
CA TYR B 26 -16.89 3.49 14.23
C TYR B 26 -16.18 4.78 13.82
N ILE B 27 -16.24 5.13 12.54
CA ILE B 27 -15.68 6.39 12.05
C ILE B 27 -16.71 7.12 11.18
N SER B 28 -16.33 8.29 10.67
CA SER B 28 -17.25 9.13 9.91
C SER B 28 -17.81 8.47 8.63
N GLY B 29 -19.14 8.42 8.54
CA GLY B 29 -19.83 7.95 7.33
C GLY B 29 -20.54 9.07 6.61
N ASP B 30 -20.67 10.21 7.30
CA ASP B 30 -21.19 11.45 6.75
C ASP B 30 -20.03 12.22 6.10
N GLU B 31 -19.37 11.60 5.12
CA GLU B 31 -18.16 12.18 4.54
C GLU B 31 -18.03 11.84 3.05
N ASP B 32 -17.52 12.82 2.29
CA ASP B 32 -17.23 12.62 0.86
C ASP B 32 -15.97 11.79 0.67
N ARG B 33 -16.10 10.67 -0.04
CA ARG B 33 -14.95 9.80 -0.34
C ARG B 33 -14.76 9.53 -1.85
N LYS B 34 -15.68 10.01 -2.69
CA LYS B 34 -15.56 9.84 -4.13
C LYS B 34 -14.81 11.01 -4.77
N GLY B 35 -14.04 10.73 -5.81
CA GLY B 35 -13.31 11.76 -6.54
C GLY B 35 -13.62 11.74 -8.04
N PRO B 36 -13.39 12.88 -8.74
CA PRO B 36 -13.67 12.94 -10.19
C PRO B 36 -12.59 12.30 -11.08
N TRP B 37 -13.02 11.48 -12.04
CA TRP B 37 -12.12 10.92 -13.04
C TRP B 37 -12.91 10.45 -14.26
MN MN C . -4.39 -2.40 -6.66
#